data_9V4V
#
_entry.id   9V4V
#
_cell.length_a   37.967
_cell.length_b   48.962
_cell.length_c   120.526
_cell.angle_alpha   90.00
_cell.angle_beta   90.00
_cell.angle_gamma   90.00
#
_symmetry.space_group_name_H-M   'P 2 2 2'
#
loop_
_entity.id
_entity.type
_entity.pdbx_description
1 polymer 'RNA (71-MER)'
2 non-polymer 2-aminopteridine-4,7(3H,8H)-dione
3 non-polymer 'MAGNESIUM ION'
4 water water
#
_entity_poly.entity_id   1
_entity_poly.type   'polyribonucleotide'
_entity_poly.pdbx_seq_one_letter_code
;(GTP)GGUUGUAUAAGCUCGUUAAUUUGGAAUGAGCGUAUCUACAGGCAACCGUAAAUUGCCCCAGGCUACAAUC
;
_entity_poly.pdbx_strand_id   A
#
loop_
_chem_comp.id
_chem_comp.type
_chem_comp.name
_chem_comp.formula
7PD non-polymer 2-aminopteridine-4,7(3H,8H)-dione 'C6 H5 N5 O2'
A RNA linking ADENOSINE-5'-MONOPHOSPHATE 'C10 H14 N5 O7 P'
C RNA linking CYTIDINE-5'-MONOPHOSPHATE 'C9 H14 N3 O8 P'
G RNA linking GUANOSINE-5'-MONOPHOSPHATE 'C10 H14 N5 O8 P'
GTP non-polymer GUANOSINE-5'-TRIPHOSPHATE 'C10 H16 N5 O14 P3'
MG non-polymer 'MAGNESIUM ION' 'Mg 2'
U RNA linking URIDINE-5'-MONOPHOSPHATE 'C9 H13 N2 O9 P'
#
# COMPACT_ATOMS: atom_id res chain seq x y z
PG GTP A 1 -5.90 -0.29 1.28
O1G GTP A 1 -5.08 -1.35 1.98
O2G GTP A 1 -6.50 -0.90 0.04
O3G GTP A 1 -4.99 0.86 0.89
O3B GTP A 1 -7.09 0.19 2.26
PB GTP A 1 -7.08 1.55 3.14
O1B GTP A 1 -5.82 2.35 2.93
O2B GTP A 1 -8.30 2.39 2.82
O3A GTP A 1 -7.16 1.08 4.68
PA GTP A 1 -6.02 0.14 5.29
O1A GTP A 1 -6.00 -1.16 4.53
O2A GTP A 1 -6.26 -0.11 6.77
O5' GTP A 1 -4.65 0.96 5.07
C5' GTP A 1 -3.51 0.38 4.50
C4' GTP A 1 -2.67 -0.28 5.59
O4' GTP A 1 -3.46 -1.28 6.23
C3' GTP A 1 -1.45 -1.00 5.04
O3' GTP A 1 -0.29 -0.19 5.10
C2' GTP A 1 -1.31 -2.20 5.96
O2' GTP A 1 -0.43 -1.91 7.02
C1' GTP A 1 -2.71 -2.44 6.50
N9 GTP A 1 -3.28 -3.56 5.73
C8 GTP A 1 -4.34 -3.51 4.86
N7 GTP A 1 -4.55 -4.74 4.35
C5 GTP A 1 -3.63 -5.59 4.89
C6 GTP A 1 -3.40 -6.93 4.71
O6 GTP A 1 -4.11 -7.59 3.95
N1 GTP A 1 -2.38 -7.56 5.40
C2 GTP A 1 -1.60 -6.81 6.25
N2 GTP A 1 -0.62 -7.40 6.91
N3 GTP A 1 -1.83 -5.46 6.42
C4 GTP A 1 -2.83 -4.86 5.75
C1 7PD B . 10.07 5.75 -14.04
C2 7PD B . 10.60 5.67 -11.58
C3 7PD B . 10.03 7.03 -11.39
C4 7PD B . 9.49 7.14 -13.86
C5 7PD B . 11.17 4.93 -10.39
C6 7PD B . 10.58 6.93 -8.90
N7 7PD B . 10.62 5.04 -12.90
N8 7PD B . 10.02 7.65 -10.07
N9 7PD B . 9.48 7.77 -12.55
N10 7PD B . 11.16 5.56 -9.07
N11 7PD B . 10.57 7.56 -7.59
O12 7PD B . 9.05 7.72 -14.80
O13 7PD B . 11.62 3.84 -10.53
MG MG C . -5.20 -15.38 0.85
#